data_9F35
#
_entry.id   9F35
#
_cell.length_a   84.782
_cell.length_b   115.252
_cell.length_c   64.671
_cell.angle_alpha   90.000
_cell.angle_beta   90.000
_cell.angle_gamma   90.000
#
_symmetry.space_group_name_H-M   'C 2 2 21'
#
loop_
_entity.id
_entity.type
_entity.pdbx_description
1 polymer '14-3-3 protein sigma'
2 polymer 'Serine/threonine-protein kinase B-raf'
3 water water
#
loop_
_entity_poly.entity_id
_entity_poly.type
_entity_poly.pdbx_seq_one_letter_code
_entity_poly.pdbx_strand_id
1 'polypeptide(L)'
;GAMGSMERASLIQKAKLAEQAERYEDMAAFMKGAVEKGEELS(CSO)EERNLLSVAYKNVVGGQRAAWRVLSSIEQKSNE
EGSEEKGPEVREYREKVETELQGVCDTVLGLLDSHLIKEAGDAESRVFYLKMKGDYYRYLAEVATGDDKKRIIDSARSAY
QEAMDISKKEMPPTNPIRLGLALNFSVFHYEIANSPEEAISLAKTTFDEAMADLHTLSEDSYKDSTLIMQLLRDNLTLWT
;
A
2 'polypeptide(L)' RDRSS(SEP)APNVH B
#
# COMPACT_ATOMS: atom_id res chain seq x y z
N GLY A 1 16.77 -6.12 15.81
CA GLY A 1 15.72 -6.64 16.75
C GLY A 1 15.78 -8.13 17.09
N ALA A 2 14.70 -8.86 16.77
CA ALA A 2 14.65 -10.30 16.99
C ALA A 2 15.68 -11.06 16.16
N MET A 3 16.15 -10.46 15.05
CA MET A 3 16.92 -11.11 14.01
C MET A 3 18.38 -10.69 14.02
N GLY A 4 18.86 -10.24 15.15
CA GLY A 4 20.11 -9.52 15.21
C GLY A 4 21.33 -10.36 15.12
N SER A 5 21.21 -11.69 15.30
CA SER A 5 22.34 -12.63 15.20
C SER A 5 22.61 -13.12 13.78
N MET A 6 21.79 -12.78 12.79
CA MET A 6 21.86 -13.31 11.46
C MET A 6 22.39 -12.27 10.48
N GLU A 7 23.15 -12.73 9.48
CA GLU A 7 23.76 -11.84 8.51
C GLU A 7 22.69 -11.21 7.62
N ARG A 8 22.97 -9.99 7.17
CA ARG A 8 22.00 -9.29 6.32
C ARG A 8 21.66 -10.11 5.08
N ALA A 9 22.65 -10.78 4.50
CA ALA A 9 22.38 -11.46 3.24
C ALA A 9 21.60 -12.75 3.44
N SER A 10 21.94 -13.54 4.47
CA SER A 10 21.09 -14.69 4.83
C SER A 10 19.62 -14.26 5.05
N LEU A 11 19.38 -13.06 5.58
CA LEU A 11 18.01 -12.59 5.78
C LEU A 11 17.32 -12.35 4.44
N ILE A 12 17.98 -11.64 3.50
CA ILE A 12 17.43 -11.50 2.15
C ILE A 12 17.20 -12.88 1.57
N GLN A 13 18.16 -13.79 1.80
CA GLN A 13 18.11 -15.13 1.19
C GLN A 13 16.86 -15.88 1.63
N LYS A 14 16.55 -15.86 2.94
CA LYS A 14 15.39 -16.57 3.49
C LYS A 14 14.06 -15.88 3.18
N ALA A 15 14.05 -14.58 2.91
CA ALA A 15 12.79 -13.93 2.51
C ALA A 15 12.31 -14.48 1.16
N LYS A 16 13.23 -14.77 0.26
CA LYS A 16 12.84 -15.28 -1.06
C LYS A 16 12.36 -16.73 -0.98
N LEU A 17 12.94 -17.54 -0.10
CA LEU A 17 12.42 -18.89 0.13
C LEU A 17 11.01 -18.88 0.76
N ALA A 18 10.75 -17.99 1.73
CA ALA A 18 9.40 -17.84 2.31
C ALA A 18 8.36 -17.44 1.28
N GLU A 19 8.68 -16.49 0.41
CA GLU A 19 7.79 -16.17 -0.69
C GLU A 19 7.42 -17.41 -1.49
N GLN A 20 8.43 -18.20 -1.88
CA GLN A 20 8.18 -19.42 -2.66
C GLN A 20 7.25 -20.38 -1.92
N ALA A 21 7.48 -20.57 -0.63
CA ALA A 21 6.63 -21.41 0.17
C ALA A 21 5.26 -20.81 0.45
N GLU A 22 5.03 -19.54 0.12
CA GLU A 22 3.84 -18.77 0.53
C GLU A 22 3.72 -18.60 2.06
N ARG A 23 4.83 -18.23 2.72
CA ARG A 23 4.91 -18.09 4.19
C ARG A 23 5.24 -16.64 4.53
N TYR A 24 4.25 -15.78 4.41
CA TYR A 24 4.46 -14.33 4.41
C TYR A 24 4.64 -13.72 5.79
N GLU A 25 4.19 -14.37 6.87
CA GLU A 25 4.55 -13.89 8.20
C GLU A 25 6.07 -14.02 8.42
N ASP A 26 6.63 -15.18 8.09
CA ASP A 26 8.09 -15.35 8.07
C ASP A 26 8.76 -14.33 7.16
N MET A 27 8.20 -14.15 5.96
CA MET A 27 8.80 -13.21 5.01
C MET A 27 8.87 -11.80 5.62
N ALA A 28 7.81 -11.36 6.28
CA ALA A 28 7.81 -10.01 6.82
C ALA A 28 8.83 -9.84 7.95
N ALA A 29 9.05 -10.88 8.76
CA ALA A 29 9.95 -10.69 9.89
C ALA A 29 11.41 -10.75 9.48
N PHE A 30 11.75 -11.55 8.46
CA PHE A 30 13.07 -11.51 7.82
C PHE A 30 13.40 -10.12 7.26
N MET A 31 12.43 -9.46 6.61
CA MET A 31 12.69 -8.17 5.98
C MET A 31 12.69 -7.04 7.01
N LYS A 32 11.87 -7.15 8.05
CA LYS A 32 12.01 -6.26 9.19
C LYS A 32 13.45 -6.30 9.72
N GLY A 33 14.00 -7.51 9.88
CA GLY A 33 15.33 -7.63 10.47
C GLY A 33 16.45 -7.14 9.56
N ALA A 34 16.27 -7.25 8.26
CA ALA A 34 17.21 -6.64 7.33
C ALA A 34 17.18 -5.12 7.42
N VAL A 35 15.97 -4.54 7.45
CA VAL A 35 15.85 -3.09 7.55
C VAL A 35 16.61 -2.59 8.77
N GLU A 36 16.41 -3.25 9.93
CA GLU A 36 17.02 -2.80 11.17
C GLU A 36 18.54 -2.91 11.21
N LYS A 37 19.17 -3.49 10.17
CA LYS A 37 20.63 -3.47 10.05
C LYS A 37 21.21 -2.09 9.78
N GLY A 38 20.41 -1.12 9.36
CA GLY A 38 20.86 0.26 9.27
C GLY A 38 21.28 0.75 7.88
N GLU A 39 21.32 -0.13 6.88
CA GLU A 39 21.73 0.26 5.53
C GLU A 39 20.53 0.45 4.60
N GLU A 40 20.70 1.27 3.59
CA GLU A 40 19.62 1.53 2.65
C GLU A 40 19.34 0.24 1.85
N LEU A 41 18.17 0.21 1.20
CA LEU A 41 17.73 -0.93 0.40
C LEU A 41 17.73 -0.63 -1.09
N SER A 42 18.17 -1.62 -1.87
CA SER A 42 18.08 -1.60 -3.32
C SER A 42 16.66 -1.73 -3.88
N CSO A 43 16.55 -1.69 -5.21
N CSO A 43 16.54 -1.74 -5.20
CA CSO A 43 15.26 -1.75 -5.87
CA CSO A 43 15.22 -1.68 -5.80
CB CSO A 43 15.39 -1.71 -7.40
CB CSO A 43 15.34 -1.16 -7.25
SG CSO A 43 13.86 -2.39 -8.13
SG CSO A 43 13.97 -1.66 -8.35
C CSO A 43 14.56 -3.04 -5.48
C CSO A 43 14.52 -3.05 -5.72
O CSO A 43 13.43 -3.04 -4.99
O CSO A 43 13.28 -3.09 -5.66
OD CSO A 43 14.12 -3.85 -9.11
OD CSO A 43 12.75 -0.39 -8.58
H CSO A 43 17.22 -1.62 -5.75
H CSO A 43 17.19 -1.77 -5.75
HA CSO A 43 14.73 -0.97 -5.60
HA CSO A 43 14.65 -1.05 -5.32
HB2 CSO A 43 16.15 -2.25 -7.69
HB2 CSO A 43 16.17 -1.50 -7.64
HB3 CSO A 43 15.50 -0.80 -7.69
HB3 CSO A 43 15.36 -0.19 -7.23
HD CSO A 43 13.28 -4.18 -9.46
HD CSO A 43 12.07 -0.69 -9.20
N GLU A 44 15.27 -4.15 -5.66
CA GLU A 44 14.66 -5.50 -5.56
C GLU A 44 14.28 -5.76 -4.11
N GLU A 45 15.16 -5.38 -3.20
CA GLU A 45 14.91 -5.53 -1.76
C GLU A 45 13.69 -4.70 -1.32
N ARG A 46 13.39 -3.57 -1.98
CA ARG A 46 12.24 -2.78 -1.61
C ARG A 46 10.95 -3.50 -2.01
N ASN A 47 10.94 -4.12 -3.19
CA ASN A 47 9.77 -4.88 -3.61
C ASN A 47 9.50 -6.07 -2.69
N LEU A 48 10.54 -6.72 -2.14
CA LEU A 48 10.33 -7.83 -1.21
C LEU A 48 9.56 -7.36 0.03
N LEU A 49 10.00 -6.23 0.57
CA LEU A 49 9.35 -5.64 1.73
C LEU A 49 7.87 -5.32 1.47
N SER A 50 7.52 -4.80 0.29
CA SER A 50 6.12 -4.44 0.06
C SER A 50 5.29 -5.67 -0.22
N VAL A 51 5.85 -6.67 -0.89
CA VAL A 51 5.10 -7.91 -1.12
C VAL A 51 4.79 -8.61 0.19
N ALA A 52 5.71 -8.56 1.17
CA ALA A 52 5.54 -9.33 2.40
C ALA A 52 4.45 -8.73 3.29
N TYR A 53 4.55 -7.44 3.62
CA TYR A 53 3.55 -6.81 4.47
C TYR A 53 2.19 -6.60 3.79
N LYS A 54 2.10 -6.62 2.45
CA LYS A 54 0.81 -6.50 1.78
C LYS A 54 -0.03 -7.77 1.91
N ASN A 55 0.61 -8.94 1.67
CA ASN A 55 -0.09 -10.20 1.82
C ASN A 55 -0.52 -10.48 3.26
N VAL A 56 0.20 -9.94 4.25
CA VAL A 56 -0.18 -10.15 5.64
C VAL A 56 -1.38 -9.28 6.03
N VAL A 57 -1.29 -7.98 5.75
CA VAL A 57 -2.41 -7.07 6.02
C VAL A 57 -3.60 -7.45 5.12
N GLY A 58 -3.35 -7.88 3.90
CA GLY A 58 -4.44 -8.33 3.05
C GLY A 58 -5.34 -9.37 3.68
N GLY A 59 -4.77 -10.27 4.48
CA GLY A 59 -5.58 -11.30 5.16
C GLY A 59 -6.38 -10.75 6.33
N GLN A 60 -5.78 -9.83 7.10
CA GLN A 60 -6.47 -9.17 8.18
C GLN A 60 -7.65 -8.32 7.69
N ARG A 61 -7.45 -7.62 6.58
CA ARG A 61 -8.52 -6.79 6.06
C ARG A 61 -9.71 -7.64 5.67
N ALA A 62 -9.45 -8.76 5.01
CA ALA A 62 -10.55 -9.58 4.53
C ALA A 62 -11.31 -10.22 5.68
N ALA A 63 -10.61 -10.57 6.75
CA ALA A 63 -11.32 -11.22 7.86
C ALA A 63 -12.09 -10.19 8.69
N TRP A 64 -11.50 -8.99 8.89
CA TRP A 64 -12.22 -7.88 9.49
C TRP A 64 -13.52 -7.53 8.75
N ARG A 65 -13.55 -7.69 7.44
CA ARG A 65 -14.78 -7.35 6.72
C ARG A 65 -15.88 -8.38 6.94
N VAL A 66 -15.52 -9.66 6.96
CA VAL A 66 -16.51 -10.69 7.28
C VAL A 66 -17.13 -10.40 8.63
N LEU A 67 -16.28 -10.28 9.65
CA LEU A 67 -16.75 -10.10 11.02
C LEU A 67 -17.65 -8.88 11.16
N SER A 68 -17.23 -7.74 10.58
CA SER A 68 -17.96 -6.49 10.79
C SER A 68 -19.36 -6.53 10.18
N SER A 69 -19.56 -7.37 9.16
CA SER A 69 -20.85 -7.53 8.50
C SER A 69 -21.81 -8.38 9.33
N ILE A 70 -21.30 -9.43 9.96
CA ILE A 70 -22.10 -10.20 10.90
C ILE A 70 -22.53 -9.29 12.05
N GLU A 71 -21.61 -8.49 12.57
CA GLU A 71 -21.93 -7.61 13.67
C GLU A 71 -23.07 -6.67 13.29
N GLN A 72 -23.05 -6.12 12.07
CA GLN A 72 -24.08 -5.21 11.62
C GLN A 72 -25.38 -5.93 11.25
N LYS A 73 -25.31 -7.16 10.71
CA LYS A 73 -26.54 -7.92 10.50
C LYS A 73 -27.26 -8.18 11.81
N SER A 74 -26.51 -8.32 12.91
CA SER A 74 -27.08 -8.46 14.23
C SER A 74 -27.58 -7.14 14.80
N ASN A 75 -27.89 -6.16 13.95
CA ASN A 75 -28.60 -4.94 14.34
C ASN A 75 -29.78 -4.65 13.42
N GLU A 76 -29.62 -4.84 12.11
CA GLU A 76 -30.71 -4.60 11.17
C GLU A 76 -31.15 -5.93 10.55
N GLU A 80 -32.87 -12.88 17.65
CA GLU A 80 -32.48 -12.36 18.98
C GLU A 80 -30.97 -12.00 18.93
N GLU A 81 -30.31 -11.84 20.09
CA GLU A 81 -28.93 -11.37 20.16
C GLU A 81 -28.00 -12.39 20.82
N LYS A 82 -26.89 -12.72 20.15
CA LYS A 82 -26.00 -13.82 20.50
C LYS A 82 -25.07 -13.53 21.69
N GLY A 83 -24.94 -12.27 22.10
CA GLY A 83 -24.08 -11.91 23.20
C GLY A 83 -23.04 -10.91 22.78
N PRO A 84 -21.99 -10.74 23.60
CA PRO A 84 -20.86 -9.86 23.24
C PRO A 84 -19.80 -10.49 22.35
N GLU A 85 -19.99 -11.75 21.94
CA GLU A 85 -18.89 -12.53 21.35
C GLU A 85 -18.44 -11.97 20.01
N VAL A 86 -19.38 -11.51 19.17
CA VAL A 86 -19.00 -10.99 17.85
C VAL A 86 -18.20 -9.70 18.00
N ARG A 87 -18.66 -8.79 18.85
CA ARG A 87 -17.98 -7.52 19.01
C ARG A 87 -16.65 -7.69 19.71
N GLU A 88 -16.52 -8.67 20.61
CA GLU A 88 -15.22 -8.91 21.22
C GLU A 88 -14.21 -9.45 20.20
N TYR A 89 -14.63 -10.38 19.33
CA TYR A 89 -13.67 -11.02 18.42
C TYR A 89 -13.28 -10.08 17.27
N ARG A 90 -14.25 -9.31 16.74
CA ARG A 90 -13.96 -8.27 15.74
C ARG A 90 -13.00 -7.23 16.29
N GLU A 91 -13.18 -6.84 17.54
CA GLU A 91 -12.27 -5.94 18.22
C GLU A 91 -10.86 -6.51 18.28
N LYS A 92 -10.72 -7.83 18.41
CA LYS A 92 -9.39 -8.42 18.61
C LYS A 92 -8.62 -8.44 17.29
N VAL A 93 -9.27 -8.89 16.22
CA VAL A 93 -8.69 -8.83 14.88
C VAL A 93 -8.29 -7.39 14.56
N GLU A 94 -9.19 -6.42 14.79
CA GLU A 94 -8.96 -5.02 14.43
C GLU A 94 -7.71 -4.49 15.09
N THR A 95 -7.53 -4.80 16.36
CA THR A 95 -6.30 -4.47 17.08
C THR A 95 -5.04 -5.16 16.53
N GLU A 96 -5.18 -6.28 15.84
CA GLU A 96 -4.01 -6.93 15.27
C GLU A 96 -3.57 -6.20 14.00
N LEU A 97 -4.53 -5.77 13.21
CA LEU A 97 -4.28 -4.99 12.00
C LEU A 97 -3.64 -3.65 12.33
N GLN A 98 -4.22 -2.90 13.27
CA GLN A 98 -3.61 -1.63 13.64
C GLN A 98 -2.17 -1.82 14.12
N GLY A 99 -1.82 -2.99 14.63
CA GLY A 99 -0.46 -3.17 15.12
C GLY A 99 0.53 -3.43 14.02
N VAL A 100 0.10 -4.09 12.94
CA VAL A 100 1.00 -4.27 11.80
C VAL A 100 1.19 -2.94 11.07
N CYS A 101 0.13 -2.12 11.00
CA CYS A 101 0.21 -0.82 10.34
C CYS A 101 1.14 0.11 11.10
N ASP A 102 1.19 -0.01 12.42
CA ASP A 102 2.09 0.84 13.20
C ASP A 102 3.52 0.38 13.12
N THR A 103 3.74 -0.93 12.86
CA THR A 103 5.09 -1.47 12.71
C THR A 103 5.73 -1.00 11.39
N VAL A 104 5.03 -1.13 10.27
CA VAL A 104 5.53 -0.56 9.02
C VAL A 104 5.79 0.94 9.17
N LEU A 105 4.74 1.72 9.49
CA LEU A 105 4.90 3.16 9.61
C LEU A 105 6.13 3.55 10.46
N GLY A 106 6.56 2.67 11.35
CA GLY A 106 7.69 3.03 12.20
C GLY A 106 9.02 2.78 11.54
N LEU A 107 9.07 1.85 10.59
CA LEU A 107 10.30 1.55 9.86
C LEU A 107 10.63 2.66 8.88
N LEU A 108 9.60 3.34 8.35
CA LEU A 108 9.82 4.42 7.39
C LEU A 108 10.24 5.68 8.09
N ASP A 109 9.62 5.95 9.24
CA ASP A 109 10.05 7.04 10.07
C ASP A 109 11.42 6.82 10.72
N SER A 110 11.97 5.61 10.66
CA SER A 110 13.13 5.26 11.46
C SER A 110 13.98 4.18 10.77
N HIS A 111 14.72 4.57 9.72
CA HIS A 111 14.98 5.94 9.22
C HIS A 111 14.99 5.98 7.66
N LEU A 112 14.06 5.23 7.05
CA LEU A 112 14.06 4.99 5.60
C LEU A 112 13.75 6.24 4.78
N ILE A 113 12.69 6.97 5.14
CA ILE A 113 12.34 8.17 4.39
C ILE A 113 13.44 9.24 4.46
N LYS A 114 14.02 9.46 5.64
CA LYS A 114 14.99 10.55 5.74
C LYS A 114 16.34 10.28 5.07
N GLU A 115 16.71 9.02 4.86
N GLU A 115 16.69 9.00 4.88
CA GLU A 115 17.99 8.73 4.19
CA GLU A 115 17.95 8.62 4.22
C GLU A 115 17.85 8.52 2.68
C GLU A 115 17.84 8.52 2.70
N ALA A 116 16.63 8.52 2.13
CA ALA A 116 16.42 8.24 0.71
C ALA A 116 16.41 9.52 -0.11
N GLY A 117 17.39 9.67 -1.00
CA GLY A 117 17.58 10.88 -1.79
C GLY A 117 17.28 10.76 -3.28
N ASP A 118 17.15 9.54 -3.79
CA ASP A 118 16.77 9.34 -5.16
C ASP A 118 15.27 9.52 -5.29
N ALA A 119 14.82 9.90 -6.49
CA ALA A 119 13.39 10.10 -6.69
C ALA A 119 12.61 8.81 -6.49
N GLU A 120 13.18 7.68 -6.91
CA GLU A 120 12.43 6.44 -7.00
C GLU A 120 12.37 5.72 -5.66
N SER A 121 13.42 5.87 -4.87
CA SER A 121 13.38 5.48 -3.47
C SER A 121 12.36 6.28 -2.70
N ARG A 122 12.44 7.62 -2.78
N ARG A 122 12.43 7.62 -2.82
CA ARG A 122 11.66 8.49 -1.92
CA ARG A 122 11.69 8.52 -1.96
C ARG A 122 10.19 8.47 -2.26
C ARG A 122 10.20 8.54 -2.27
N VAL A 123 9.86 8.41 -3.55
CA VAL A 123 8.48 8.32 -3.97
C VAL A 123 7.88 6.97 -3.58
N PHE A 124 8.69 5.89 -3.61
CA PHE A 124 8.21 4.55 -3.21
C PHE A 124 7.84 4.52 -1.73
N TYR A 125 8.68 5.11 -0.84
CA TYR A 125 8.38 5.09 0.58
C TYR A 125 7.22 6.01 0.94
N LEU A 126 7.02 7.12 0.21
CA LEU A 126 5.95 8.05 0.60
C LEU A 126 4.57 7.52 0.19
N LYS A 127 4.48 6.85 -0.98
CA LYS A 127 3.30 6.06 -1.32
C LYS A 127 2.91 5.07 -0.22
N MET A 128 3.84 4.18 0.13
CA MET A 128 3.61 3.18 1.19
C MET A 128 3.06 3.84 2.46
N LYS A 129 3.55 5.03 2.80
CA LYS A 129 3.08 5.69 4.01
C LYS A 129 1.59 6.09 3.88
N GLY A 130 1.16 6.57 2.72
CA GLY A 130 -0.24 6.87 2.51
C GLY A 130 -1.13 5.66 2.38
N ASP A 131 -0.58 4.56 1.86
CA ASP A 131 -1.27 3.26 1.86
C ASP A 131 -1.54 2.75 3.28
N TYR A 132 -0.59 2.85 4.21
CA TYR A 132 -0.80 2.28 5.55
C TYR A 132 -1.59 3.21 6.50
N TYR A 133 -1.60 4.52 6.25
CA TYR A 133 -2.60 5.36 6.92
C TYR A 133 -4.00 5.10 6.36
N ARG A 134 -4.11 4.78 5.05
CA ARG A 134 -5.41 4.44 4.46
C ARG A 134 -6.03 3.22 5.12
N TYR A 135 -5.27 2.13 5.23
CA TYR A 135 -5.84 0.92 5.84
C TYR A 135 -6.28 1.17 7.29
N LEU A 136 -5.59 2.06 8.01
CA LEU A 136 -6.05 2.43 9.35
C LEU A 136 -7.35 3.22 9.28
N ALA A 137 -7.42 4.15 8.33
CA ALA A 137 -8.66 4.92 8.20
C ALA A 137 -9.82 4.00 7.86
N GLU A 138 -9.58 2.86 7.18
CA GLU A 138 -10.70 2.02 6.76
C GLU A 138 -11.49 1.48 7.96
N VAL A 139 -10.86 1.42 9.15
CA VAL A 139 -11.41 0.88 10.39
C VAL A 139 -11.48 1.93 11.50
N ALA A 140 -11.27 3.23 11.19
CA ALA A 140 -11.30 4.27 12.22
C ALA A 140 -12.71 4.84 12.39
N THR A 141 -13.05 5.18 13.63
CA THR A 141 -14.36 5.78 13.88
C THR A 141 -14.37 6.85 14.95
N GLY A 142 -13.24 7.19 15.56
CA GLY A 142 -13.18 8.10 16.68
C GLY A 142 -12.86 9.52 16.27
N ASP A 143 -12.34 10.29 17.22
CA ASP A 143 -11.93 11.67 16.93
C ASP A 143 -10.67 11.70 16.06
N ASP A 144 -9.77 10.75 16.27
CA ASP A 144 -8.60 10.65 15.42
C ASP A 144 -8.91 10.19 13.99
N LYS A 145 -10.18 9.98 13.56
CA LYS A 145 -10.43 9.53 12.18
C LYS A 145 -10.17 10.64 11.16
N LYS A 146 -10.51 11.89 11.51
CA LYS A 146 -10.21 12.98 10.58
C LYS A 146 -8.73 13.24 10.53
N ARG A 147 -8.01 13.00 11.64
CA ARG A 147 -6.55 13.15 11.67
C ARG A 147 -5.85 12.11 10.82
N ILE A 148 -6.34 10.87 10.82
CA ILE A 148 -5.71 9.84 9.99
C ILE A 148 -5.93 10.15 8.51
N ILE A 149 -7.14 10.56 8.14
CA ILE A 149 -7.42 10.89 6.75
C ILE A 149 -6.52 12.02 6.22
N ASP A 150 -5.98 12.83 7.12
CA ASP A 150 -5.17 13.96 6.70
C ASP A 150 -3.69 13.62 6.61
N SER A 151 -3.22 12.71 7.47
CA SER A 151 -1.88 12.14 7.31
C SER A 151 -1.73 11.39 5.99
N ALA A 152 -2.73 10.56 5.64
CA ALA A 152 -2.69 9.84 4.36
C ALA A 152 -2.65 10.83 3.19
N ARG A 153 -3.57 11.82 3.20
N ARG A 153 -3.54 11.83 3.22
CA ARG A 153 -3.60 12.85 2.18
CA ARG A 153 -3.59 12.82 2.16
C ARG A 153 -2.24 13.52 2.02
C ARG A 153 -2.26 13.55 2.01
N SER A 154 -1.67 13.99 3.12
CA SER A 154 -0.42 14.74 3.03
C SER A 154 0.68 13.90 2.39
N ALA A 155 0.85 12.65 2.84
CA ALA A 155 1.91 11.79 2.28
C ALA A 155 1.69 11.50 0.81
N TYR A 156 0.43 11.25 0.44
CA TYR A 156 0.10 11.04 -0.97
C TYR A 156 0.49 12.25 -1.85
N GLN A 157 0.18 13.48 -1.41
CA GLN A 157 0.41 14.67 -2.25
C GLN A 157 1.90 14.99 -2.42
N GLU A 158 2.72 14.80 -1.39
CA GLU A 158 4.15 15.09 -1.53
C GLU A 158 4.78 14.19 -2.58
N ALA A 159 4.35 12.91 -2.61
CA ALA A 159 4.87 11.96 -3.59
C ALA A 159 4.42 12.30 -5.00
N MET A 160 3.19 12.81 -5.14
CA MET A 160 2.73 13.24 -6.46
C MET A 160 3.62 14.36 -6.99
N ASP A 161 3.87 15.38 -6.15
CA ASP A 161 4.64 16.54 -6.63
C ASP A 161 6.03 16.13 -7.14
N ILE A 162 6.75 15.26 -6.38
CA ILE A 162 8.02 14.70 -6.83
C ILE A 162 7.85 13.91 -8.13
N SER A 163 6.91 12.96 -8.16
CA SER A 163 6.77 12.13 -9.35
C SER A 163 6.47 12.97 -10.59
N LYS A 164 5.67 14.02 -10.46
CA LYS A 164 5.33 14.83 -11.63
C LYS A 164 6.54 15.54 -12.19
N LYS A 165 7.35 16.16 -11.33
CA LYS A 165 8.51 16.85 -11.84
C LYS A 165 9.74 15.96 -12.07
N GLU A 166 9.75 14.68 -11.67
CA GLU A 166 11.00 13.92 -11.75
C GLU A 166 10.95 12.59 -12.50
N MET A 167 9.79 12.17 -13.01
CA MET A 167 9.71 10.87 -13.68
C MET A 167 8.72 10.97 -14.81
N PRO A 168 8.80 10.09 -15.80
CA PRO A 168 7.93 10.14 -16.96
C PRO A 168 6.55 9.58 -16.65
N PRO A 169 5.55 9.94 -17.47
CA PRO A 169 4.16 9.57 -17.15
C PRO A 169 3.84 8.09 -17.27
N THR A 170 4.74 7.28 -17.84
CA THR A 170 4.62 5.84 -17.96
C THR A 170 5.37 5.05 -16.89
N ASN A 171 6.13 5.70 -16.03
CA ASN A 171 6.80 4.96 -14.96
C ASN A 171 5.80 4.17 -14.13
N PRO A 172 6.02 2.87 -13.87
CA PRO A 172 5.00 2.12 -13.12
C PRO A 172 4.82 2.55 -11.66
N ILE A 173 5.87 3.04 -10.99
CA ILE A 173 5.69 3.58 -9.64
C ILE A 173 4.80 4.81 -9.68
N ARG A 174 4.88 5.61 -10.75
CA ARG A 174 4.06 6.81 -10.85
C ARG A 174 2.61 6.44 -11.13
N LEU A 175 2.39 5.44 -11.98
CA LEU A 175 1.04 4.96 -12.26
C LEU A 175 0.42 4.30 -11.05
N GLY A 176 1.16 3.41 -10.39
CA GLY A 176 0.72 2.83 -9.13
C GLY A 176 0.26 3.85 -8.09
N ALA A 178 -0.86 6.83 -7.66
CA ALA A 178 -1.81 7.61 -8.47
C ALA A 178 -3.11 6.88 -8.71
N LEU A 179 -3.04 5.60 -9.08
CA LEU A 179 -4.20 4.71 -8.96
C LEU A 179 -4.67 4.65 -7.52
N ASN A 180 -3.73 4.47 -6.59
CA ASN A 180 -4.06 4.36 -5.19
C ASN A 180 -4.60 5.68 -4.64
N PHE A 181 -4.11 6.84 -5.14
CA PHE A 181 -4.66 8.11 -4.67
C PHE A 181 -6.11 8.31 -5.12
N SER A 182 -6.46 7.79 -6.30
CA SER A 182 -7.83 7.90 -6.78
C SER A 182 -8.78 7.03 -5.95
N VAL A 183 -8.31 5.86 -5.50
CA VAL A 183 -9.08 5.00 -4.58
C VAL A 183 -9.32 5.74 -3.26
N PHE A 184 -8.26 6.36 -2.69
CA PHE A 184 -8.41 7.21 -1.51
C PHE A 184 -9.58 8.18 -1.65
N HIS A 185 -9.64 8.89 -2.80
CA HIS A 185 -10.67 9.89 -3.01
C HIS A 185 -12.04 9.27 -3.03
N TYR A 186 -12.16 8.12 -3.72
CA TYR A 186 -13.49 7.52 -3.92
C TYR A 186 -14.02 6.87 -2.64
N GLU A 187 -13.21 6.07 -1.96
CA GLU A 187 -13.72 5.21 -0.90
C GLU A 187 -13.50 5.78 0.50
N ILE A 188 -12.61 6.73 0.68
CA ILE A 188 -12.27 7.26 2.00
C ILE A 188 -12.68 8.72 2.15
N ALA A 189 -12.41 9.54 1.14
CA ALA A 189 -12.54 10.98 1.25
C ALA A 189 -13.89 11.51 0.84
N ASN A 190 -14.81 10.67 0.35
CA ASN A 190 -16.13 11.10 -0.13
C ASN A 190 -16.01 12.23 -1.15
N SER A 191 -15.18 11.98 -2.18
CA SER A 191 -14.88 12.96 -3.23
C SER A 191 -14.82 12.23 -4.57
N PRO A 192 -15.93 11.66 -5.02
CA PRO A 192 -15.84 10.73 -6.17
C PRO A 192 -15.54 11.41 -7.49
N GLU A 193 -15.85 12.69 -7.63
CA GLU A 193 -15.56 13.38 -8.88
C GLU A 193 -14.08 13.73 -8.98
N GLU A 194 -13.45 14.13 -7.87
CA GLU A 194 -11.98 14.16 -7.83
C GLU A 194 -11.37 12.82 -8.28
N ALA A 195 -11.85 11.71 -7.71
CA ALA A 195 -11.32 10.39 -8.08
C ALA A 195 -11.40 10.17 -9.59
N ILE A 196 -12.47 10.63 -10.21
CA ILE A 196 -12.69 10.37 -11.63
C ILE A 196 -11.80 11.28 -12.48
N SER A 197 -11.56 12.52 -12.07
CA SER A 197 -10.71 13.38 -12.88
C SER A 197 -9.27 12.86 -12.87
N LEU A 198 -8.78 12.42 -11.71
CA LEU A 198 -7.40 11.96 -11.62
C LEU A 198 -7.15 10.75 -12.53
N ALA A 199 -8.07 9.78 -12.55
CA ALA A 199 -7.79 8.53 -13.26
C ALA A 199 -7.77 8.75 -14.76
N LYS A 200 -8.55 9.73 -15.25
CA LYS A 200 -8.69 10.06 -16.67
C LYS A 200 -7.52 10.90 -17.18
N THR A 201 -7.13 11.91 -16.41
CA THR A 201 -5.88 12.62 -16.67
C THR A 201 -4.68 11.66 -16.67
N THR A 202 -4.60 10.76 -15.70
CA THR A 202 -3.47 9.84 -15.59
C THR A 202 -3.42 8.91 -16.81
N PHE A 203 -4.54 8.28 -17.15
CA PHE A 203 -4.59 7.40 -18.32
C PHE A 203 -4.16 8.12 -19.60
N ASP A 204 -4.63 9.35 -19.79
CA ASP A 204 -4.44 10.05 -21.06
C ASP A 204 -2.97 10.43 -21.30
N GLU A 205 -2.28 10.88 -20.26
CA GLU A 205 -0.90 11.31 -20.41
C GLU A 205 0.07 10.13 -20.59
N ALA A 206 -0.21 8.97 -19.97
CA ALA A 206 0.57 7.78 -20.28
C ALA A 206 0.31 7.32 -21.72
N MET A 207 -0.95 7.22 -22.13
CA MET A 207 -1.29 6.76 -23.49
C MET A 207 -0.39 7.44 -24.53
N ALA A 208 -0.32 8.76 -24.50
CA ALA A 208 0.43 9.53 -25.48
C ALA A 208 1.94 9.42 -25.30
N ASP A 209 2.43 8.63 -24.34
CA ASP A 209 3.86 8.38 -24.14
C ASP A 209 4.32 6.96 -24.53
N LEU A 210 3.40 6.06 -24.92
CA LEU A 210 3.80 4.67 -25.15
C LEU A 210 4.79 4.51 -26.29
N HIS A 211 4.71 5.36 -27.32
CA HIS A 211 5.58 5.20 -28.49
C HIS A 211 7.08 5.21 -28.14
N THR A 212 7.46 5.59 -26.92
CA THR A 212 8.86 5.78 -26.57
C THR A 212 9.50 4.57 -25.90
N LEU A 213 8.75 3.48 -25.72
CA LEU A 213 9.12 2.36 -24.86
C LEU A 213 9.49 1.09 -25.63
N SER A 214 10.31 0.26 -24.99
CA SER A 214 10.57 -1.10 -25.42
C SER A 214 9.35 -1.99 -25.20
N GLU A 215 9.37 -3.17 -25.81
CA GLU A 215 8.30 -4.16 -25.61
C GLU A 215 8.20 -4.62 -24.16
N ASP A 216 9.30 -4.63 -23.41
CA ASP A 216 9.21 -5.07 -22.01
C ASP A 216 8.59 -3.98 -21.15
N SER A 217 8.88 -2.73 -21.48
CA SER A 217 8.36 -1.62 -20.69
C SER A 217 6.89 -1.34 -21.03
N TYR A 218 6.55 -1.33 -22.34
CA TYR A 218 5.16 -1.33 -22.77
C TYR A 218 4.29 -2.28 -21.96
N LYS A 219 4.76 -3.51 -21.76
CA LYS A 219 3.95 -4.53 -21.07
C LYS A 219 3.76 -4.19 -19.60
N ASP A 220 4.80 -3.65 -18.95
CA ASP A 220 4.68 -3.27 -17.56
C ASP A 220 3.64 -2.13 -17.36
N SER A 221 3.65 -1.11 -18.23
CA SER A 221 2.75 0.04 -18.00
C SER A 221 1.30 -0.24 -18.39
N THR A 222 1.08 -1.08 -19.41
CA THR A 222 -0.29 -1.33 -19.84
C THR A 222 -1.03 -2.17 -18.83
N LEU A 223 -0.31 -3.04 -18.13
CA LEU A 223 -0.82 -3.69 -16.93
C LEU A 223 -1.57 -2.73 -16.01
N ILE A 224 -0.90 -1.67 -15.54
CA ILE A 224 -1.48 -0.79 -14.53
C ILE A 224 -2.52 0.19 -15.12
N MET A 225 -2.37 0.57 -16.39
CA MET A 225 -3.37 1.42 -17.04
C MET A 225 -4.72 0.70 -17.18
N GLN A 226 -4.71 -0.63 -17.27
N GLN A 226 -4.70 -0.63 -17.26
CA GLN A 226 -5.97 -1.39 -17.36
CA GLN A 226 -5.95 -1.37 -17.36
C GLN A 226 -6.75 -1.34 -16.06
C GLN A 226 -6.76 -1.25 -16.07
N LEU A 227 -6.07 -1.19 -14.93
CA LEU A 227 -6.78 -1.05 -13.67
C LEU A 227 -7.44 0.31 -13.55
N LEU A 228 -6.83 1.35 -14.15
CA LEU A 228 -7.48 2.67 -14.17
C LEU A 228 -8.76 2.62 -14.97
N ARG A 229 -8.73 1.89 -16.09
CA ARG A 229 -9.92 1.77 -16.92
C ARG A 229 -11.04 0.97 -16.23
N ASP A 230 -10.71 -0.14 -15.55
CA ASP A 230 -11.75 -0.91 -14.86
C ASP A 230 -12.52 -0.05 -13.84
N ASN A 231 -11.80 0.81 -13.10
CA ASN A 231 -12.46 1.63 -12.07
C ASN A 231 -13.39 2.66 -12.71
N LEU A 232 -12.97 3.28 -13.81
CA LEU A 232 -13.82 4.28 -14.42
C LEU A 232 -15.11 3.64 -14.93
N THR A 233 -15.00 2.41 -15.45
CA THR A 233 -16.16 1.68 -15.92
C THR A 233 -17.08 1.33 -14.77
N LEU A 234 -16.52 1.16 -13.58
CA LEU A 234 -17.30 0.90 -12.38
C LEU A 234 -17.82 2.19 -11.75
N TRP A 235 -17.07 3.28 -11.77
CA TRP A 235 -17.50 4.50 -11.10
C TRP A 235 -18.47 5.32 -11.95
N THR A 236 -18.75 4.89 -13.17
CA THR A 236 -19.72 5.56 -14.04
C THR A 236 -20.88 4.64 -14.40
N ASP B 2 -19.10 -4.08 -6.04
CA ASP B 2 -17.89 -4.47 -5.30
C ASP B 2 -16.93 -3.28 -5.20
N ARG B 3 -15.84 -3.45 -4.42
CA ARG B 3 -14.93 -2.35 -4.13
C ARG B 3 -13.94 -2.14 -5.28
N SER B 4 -13.28 -0.98 -5.25
CA SER B 4 -12.36 -0.57 -6.31
C SER B 4 -11.03 -1.33 -6.27
N SER B 5 -10.41 -1.41 -7.45
CA SER B 5 -9.12 -2.07 -7.63
C SER B 5 -7.94 -1.15 -7.29
N SEP B 6 -7.04 -1.63 -6.42
CA SEP B 6 -5.81 -0.93 -6.05
CB SEP B 6 -5.68 -0.81 -4.51
OG SEP B 6 -5.47 -2.06 -3.87
C SEP B 6 -4.59 -1.66 -6.67
O SEP B 6 -4.72 -2.67 -7.35
P SEP B 6 -5.50 -1.98 -2.26
O1P SEP B 6 -5.35 -3.48 -1.72
O2P SEP B 6 -4.30 -1.07 -1.72
O3P SEP B 6 -6.95 -1.44 -1.83
HA SEP B 6 -5.82 -0.01 -6.41
HB2 SEP B 6 -6.50 -0.41 -4.17
HB3 SEP B 6 -4.93 -0.23 -4.31
N ALA B 7 -3.39 -1.16 -6.43
CA ALA B 7 -2.23 -1.55 -7.21
C ALA B 7 -1.59 -2.88 -6.77
N PRO B 8 -1.28 -3.74 -7.75
CA PRO B 8 -1.04 -5.15 -7.45
C PRO B 8 0.34 -5.44 -6.91
N ASN B 9 0.42 -6.63 -6.28
CA ASN B 9 1.67 -7.18 -5.76
C ASN B 9 2.66 -7.37 -6.89
N VAL B 10 3.86 -6.81 -6.68
CA VAL B 10 4.78 -6.48 -7.76
C VAL B 10 5.10 -7.71 -8.63
N HIS B 11 5.53 -8.82 -8.01
CA HIS B 11 6.01 -9.99 -8.74
C HIS B 11 4.88 -10.73 -9.45
#